data_3EMD
#
_entry.id   3EMD
#
_cell.length_a   37.057
_cell.length_b   61.157
_cell.length_c   128.831
_cell.angle_alpha   90.00
_cell.angle_beta   90.00
_cell.angle_gamma   90.00
#
_symmetry.space_group_name_H-M   'P 21 21 21'
#
loop_
_entity.id
_entity.type
_entity.pdbx_description
1 polymer methyltransferase
2 non-polymer SINEFUNGIN
3 non-polymer "P1-7-METHYLGUANOSINE-P3-ADENOSINE-5',5'-TRIPHOSPHATE"
4 non-polymer 'SULFATE ION'
5 water water
#
_entity_poly.entity_id   1
_entity_poly.type   'polypeptide(L)'
_entity_poly.pdbx_seq_one_letter_code
;MKHHHHHHGKAAGVTLGEVWKRQLNMLGKQEFERYKVSDITEVDRTAARRYLKEGRTDVGISVSRGAAKIRWLHERGYLR
ITGRVLDLGCGRGGWSYYAAAQKEVMSVKGYTLGIEGHEKPIHMQTLGWNIVKFKDKSNVFTMPTEPSDTLLCDIGESSS
NPLVERDRTMKVLENFERWKHVNTENFCVKVLAPYHPDVIEKLERLQLRFGGGIVRVPFSRNSTHEMYYISGARNNITHM
VNTTSRSLLRRMTRPSGKAIIEGDVFLPTGTRSVASEAGTIDHEALKLRVDQIKAEYSKT
;
_entity_poly.pdbx_strand_id   A
#
# COMPACT_ATOMS: atom_id res chain seq x y z
N VAL A 14 -7.43 -6.98 -23.90
CA VAL A 14 -6.73 -6.08 -24.87
C VAL A 14 -5.36 -5.62 -24.31
N THR A 15 -5.31 -5.29 -23.02
CA THR A 15 -4.05 -4.93 -22.37
C THR A 15 -3.30 -6.17 -21.93
N LEU A 16 -1.99 -6.03 -21.67
CA LEU A 16 -1.17 -7.11 -21.14
C LEU A 16 -1.59 -7.53 -19.72
N GLY A 17 -2.06 -6.56 -18.94
CA GLY A 17 -2.57 -6.82 -17.58
C GLY A 17 -3.81 -7.68 -17.60
N GLU A 18 -4.65 -7.45 -18.60
CA GLU A 18 -5.87 -8.24 -18.82
C GLU A 18 -5.56 -9.69 -19.19
N VAL A 19 -4.52 -9.88 -20.02
CA VAL A 19 -3.98 -11.21 -20.35
C VAL A 19 -3.40 -11.88 -19.10
N TRP A 20 -2.60 -11.13 -18.35
CA TRP A 20 -2.06 -11.58 -17.06
C TRP A 20 -3.15 -12.10 -16.12
N LYS A 21 -4.23 -11.32 -15.95
CA LYS A 21 -5.29 -11.66 -15.00
C LYS A 21 -6.03 -12.92 -15.45
N ARG A 22 -6.30 -13.03 -16.74
CA ARG A 22 -6.97 -14.22 -17.31
C ARG A 22 -6.12 -15.47 -17.10
N GLN A 23 -4.84 -15.39 -17.45
CA GLN A 23 -3.91 -16.50 -17.27
C GLN A 23 -3.75 -16.87 -15.80
N LEU A 24 -3.67 -15.87 -14.93
CA LEU A 24 -3.55 -16.11 -13.50
C LEU A 24 -4.69 -16.97 -12.97
N ASN A 25 -5.91 -16.59 -13.34
CA ASN A 25 -7.12 -17.28 -12.93
C ASN A 25 -7.21 -18.73 -13.42
N MET A 26 -6.47 -19.06 -14.47
CA MET A 26 -6.47 -20.40 -15.04
C MET A 26 -5.41 -21.34 -14.44
N LEU A 27 -4.44 -20.78 -13.72
CA LEU A 27 -3.39 -21.58 -13.09
C LEU A 27 -3.98 -22.64 -12.17
N GLY A 28 -3.36 -23.83 -12.19
CA GLY A 28 -3.65 -24.88 -11.22
C GLY A 28 -3.19 -24.44 -9.85
N LYS A 29 -3.60 -25.16 -8.81
CA LYS A 29 -3.37 -24.75 -7.43
C LYS A 29 -1.89 -24.61 -7.06
N GLN A 30 -1.11 -25.65 -7.32
CA GLN A 30 0.32 -25.64 -7.03
C GLN A 30 1.08 -24.63 -7.89
N GLU A 31 0.67 -24.50 -9.15
CA GLU A 31 1.21 -23.49 -10.07
C GLU A 31 0.97 -22.08 -9.54
N PHE A 32 -0.26 -21.82 -9.07
CA PHE A 32 -0.59 -20.53 -8.47
C PHE A 32 0.29 -20.23 -7.25
N GLU A 33 0.42 -21.20 -6.35
CA GLU A 33 1.19 -20.99 -5.10
C GLU A 33 2.66 -20.70 -5.39
N ARG A 34 3.22 -21.45 -6.33
CA ARG A 34 4.60 -21.27 -6.83
C ARG A 34 4.76 -19.89 -7.47
N TYR A 35 3.84 -19.55 -8.37
CA TYR A 35 3.88 -18.29 -9.11
C TYR A 35 3.81 -17.06 -8.22
N LYS A 36 2.90 -17.06 -7.24
CA LYS A 36 2.63 -15.87 -6.44
C LYS A 36 3.85 -15.32 -5.67
N VAL A 37 4.77 -16.20 -5.28
CA VAL A 37 6.00 -15.79 -4.57
C VAL A 37 7.24 -15.69 -5.48
N SER A 38 7.09 -15.98 -6.77
CA SER A 38 8.24 -16.09 -7.67
C SER A 38 8.98 -14.78 -7.85
N ASP A 39 10.22 -14.76 -7.34
CA ASP A 39 11.13 -13.62 -7.43
C ASP A 39 10.63 -12.35 -6.73
N ILE A 40 9.62 -12.49 -5.87
CA ILE A 40 9.16 -11.35 -5.08
C ILE A 40 10.12 -11.12 -3.89
N THR A 41 10.09 -9.92 -3.34
CA THR A 41 10.79 -9.71 -2.07
C THR A 41 9.79 -9.88 -0.93
N GLU A 42 10.29 -10.29 0.23
CA GLU A 42 9.44 -10.63 1.35
C GLU A 42 10.19 -10.35 2.65
N VAL A 43 9.49 -9.82 3.65
CA VAL A 43 10.13 -9.65 4.97
C VAL A 43 9.90 -10.88 5.85
N ASP A 44 10.88 -11.23 6.67
CA ASP A 44 10.76 -12.32 7.62
C ASP A 44 9.96 -11.83 8.82
N ARG A 45 8.72 -12.31 8.94
CA ARG A 45 7.79 -11.86 9.97
C ARG A 45 7.86 -12.67 11.28
N THR A 46 8.75 -13.66 11.32
CA THR A 46 8.82 -14.60 12.45
C THR A 46 9.03 -13.89 13.80
N ALA A 47 10.00 -12.98 13.87
CA ALA A 47 10.33 -12.27 15.11
C ALA A 47 9.15 -11.46 15.63
N ALA A 48 8.53 -10.66 14.75
CA ALA A 48 7.38 -9.84 15.12
C ALA A 48 6.22 -10.70 15.61
N ARG A 49 5.96 -11.80 14.91
CA ARG A 49 4.84 -12.69 15.26
C ARG A 49 5.05 -13.33 16.64
N ARG A 50 6.27 -13.79 16.92
CA ARG A 50 6.62 -14.36 18.22
C ARG A 50 6.36 -13.38 19.37
N TYR A 51 6.81 -12.13 19.21
CA TYR A 51 6.60 -11.11 20.22
C TYR A 51 5.12 -10.76 20.39
N LEU A 52 4.43 -10.54 19.28
CA LEU A 52 2.98 -10.26 19.32
C LEU A 52 2.19 -11.39 20.01
N LYS A 53 2.56 -12.63 19.72
CA LYS A 53 1.95 -13.79 20.38
C LYS A 53 2.06 -13.72 21.91
N GLU A 54 3.09 -13.06 22.41
CA GLU A 54 3.30 -12.94 23.86
C GLU A 54 2.80 -11.62 24.42
N GLY A 55 2.07 -10.86 23.59
CA GLY A 55 1.52 -9.57 23.96
C GLY A 55 2.57 -8.48 24.13
N ARG A 56 3.69 -8.61 23.43
CA ARG A 56 4.82 -7.69 23.63
C ARG A 56 4.76 -6.43 22.76
N THR A 57 3.83 -5.53 23.10
CA THR A 57 3.59 -4.29 22.36
C THR A 57 4.66 -3.22 22.59
N ASP A 58 5.54 -3.47 23.56
CA ASP A 58 6.60 -2.53 23.89
C ASP A 58 7.72 -2.57 22.87
N VAL A 59 7.81 -3.67 22.13
CA VAL A 59 9.00 -3.97 21.34
C VAL A 59 8.95 -3.29 19.98
N GLY A 60 10.12 -3.06 19.39
CA GLY A 60 10.23 -2.30 18.17
C GLY A 60 9.92 -3.11 16.94
N ILE A 61 8.67 -3.56 16.83
CA ILE A 61 8.24 -4.38 15.71
C ILE A 61 7.09 -3.71 14.98
N SER A 62 6.79 -4.21 13.78
CA SER A 62 5.67 -3.70 13.00
C SER A 62 4.48 -4.65 13.12
N VAL A 63 3.28 -4.08 13.16
CA VAL A 63 2.05 -4.87 13.36
C VAL A 63 1.58 -5.61 12.11
N SER A 64 2.19 -5.29 10.97
CA SER A 64 1.79 -5.91 9.71
C SER A 64 2.93 -6.00 8.70
N ARG A 65 2.74 -6.90 7.74
CA ARG A 65 3.60 -7.00 6.56
C ARG A 65 3.58 -5.73 5.70
N GLY A 66 2.47 -5.00 5.76
CA GLY A 66 2.28 -3.77 4.99
C GLY A 66 3.33 -2.69 5.22
N ALA A 67 3.91 -2.68 6.42
CA ALA A 67 4.98 -1.72 6.76
C ALA A 67 6.17 -1.81 5.83
N ALA A 68 6.45 -3.01 5.33
CA ALA A 68 7.53 -3.22 4.38
C ALA A 68 7.37 -2.42 3.07
N LYS A 69 6.12 -2.25 2.63
CA LYS A 69 5.83 -1.49 1.42
C LYS A 69 6.12 -0.02 1.56
N ILE A 70 5.61 0.58 2.63
CA ILE A 70 5.87 2.01 2.87
C ILE A 70 7.35 2.30 3.19
N ARG A 71 8.03 1.37 3.87
CA ARG A 71 9.47 1.55 4.11
C ARG A 71 10.23 1.64 2.78
N TRP A 72 9.96 0.70 1.86
CA TRP A 72 10.58 0.70 0.54
C TRP A 72 10.29 2.02 -0.20
N LEU A 73 9.02 2.41 -0.26
CA LEU A 73 8.61 3.66 -0.90
C LEU A 73 9.32 4.89 -0.33
N HIS A 74 9.45 4.93 1.00
CA HIS A 74 10.09 6.03 1.70
C HIS A 74 11.61 6.00 1.48
N GLU A 75 12.25 4.87 1.76
CA GLU A 75 13.71 4.76 1.65
C GLU A 75 14.23 4.95 0.22
N ARG A 76 13.41 4.58 -0.77
CA ARG A 76 13.84 4.68 -2.17
C ARG A 76 13.40 5.99 -2.85
N GLY A 77 12.82 6.90 -2.07
CA GLY A 77 12.56 8.27 -2.51
C GLY A 77 11.32 8.49 -3.35
N TYR A 78 10.39 7.55 -3.32
CA TYR A 78 9.11 7.69 -4.02
C TYR A 78 8.08 8.47 -3.19
N LEU A 79 8.37 8.65 -1.90
CA LEU A 79 7.44 9.29 -0.97
C LEU A 79 8.19 9.97 0.18
N ARG A 80 7.93 11.25 0.39
CA ARG A 80 8.33 11.93 1.64
C ARG A 80 7.17 11.85 2.63
N ILE A 81 7.49 11.64 3.90
CA ILE A 81 6.48 11.50 4.95
C ILE A 81 6.69 12.60 5.99
N THR A 82 5.81 13.60 5.95
CA THR A 82 6.00 14.82 6.74
C THR A 82 4.68 15.34 7.31
N GLY A 83 4.81 16.19 8.33
CA GLY A 83 3.69 16.95 8.90
C GLY A 83 2.54 16.14 9.44
N ARG A 84 1.33 16.60 9.13
CA ARG A 84 0.11 15.89 9.50
CA ARG A 84 0.08 15.91 9.47
C ARG A 84 -0.14 14.74 8.52
N VAL A 85 0.02 13.51 9.02
CA VAL A 85 -0.18 12.32 8.20
C VAL A 85 -1.60 11.79 8.38
N LEU A 86 -2.27 11.59 7.25
CA LEU A 86 -3.56 10.91 7.21
C LEU A 86 -3.36 9.54 6.57
N ASP A 87 -3.85 8.51 7.26
CA ASP A 87 -3.70 7.13 6.80
C ASP A 87 -5.08 6.53 6.58
N LEU A 88 -5.54 6.57 5.32
CA LEU A 88 -6.88 6.08 4.96
C LEU A 88 -6.87 4.57 4.70
N GLY A 89 -7.68 3.83 5.44
CA GLY A 89 -7.63 2.37 5.44
C GLY A 89 -6.37 1.89 6.12
N CYS A 90 -6.21 2.26 7.40
CA CYS A 90 -4.97 1.97 8.12
C CYS A 90 -4.83 0.50 8.56
N GLY A 91 -5.93 -0.24 8.54
CA GLY A 91 -5.95 -1.62 9.01
C GLY A 91 -5.35 -1.70 10.41
N ARG A 92 -4.42 -2.63 10.60
CA ARG A 92 -3.76 -2.83 11.90
C ARG A 92 -2.88 -1.65 12.32
N GLY A 93 -2.40 -0.90 11.33
CA GLY A 93 -1.65 0.32 11.60
C GLY A 93 -0.18 0.31 11.16
N GLY A 94 0.19 -0.63 10.30
CA GLY A 94 1.58 -0.77 9.83
C GLY A 94 2.23 0.46 9.20
N TRP A 95 1.47 1.16 8.36
CA TRP A 95 1.92 2.42 7.78
C TRP A 95 1.88 3.56 8.80
N SER A 96 0.86 3.55 9.65
CA SER A 96 0.67 4.62 10.65
C SER A 96 1.83 4.68 11.64
N TYR A 97 2.25 3.52 12.12
CA TYR A 97 3.36 3.43 13.06
C TYR A 97 4.72 3.68 12.39
N TYR A 98 4.85 3.23 11.14
CA TYR A 98 6.06 3.55 10.40
C TYR A 98 6.19 5.08 10.26
N ALA A 99 5.10 5.75 9.87
CA ALA A 99 5.09 7.20 9.71
C ALA A 99 5.40 7.93 11.03
N ALA A 100 4.80 7.47 12.12
CA ALA A 100 4.97 8.07 13.46
C ALA A 100 6.42 8.10 13.94
N ALA A 101 7.21 7.13 13.50
CA ALA A 101 8.61 7.04 13.88
C ALA A 101 9.53 8.02 13.12
N GLN A 102 9.02 8.61 12.03
CA GLN A 102 9.84 9.50 11.18
C GLN A 102 9.94 10.91 11.74
N LYS A 103 11.14 11.49 11.65
CA LYS A 103 11.43 12.75 12.35
C LYS A 103 10.65 13.96 11.86
N GLU A 104 10.24 13.96 10.60
CA GLU A 104 9.50 15.09 10.00
C GLU A 104 8.00 15.04 10.30
N VAL A 105 7.54 13.97 10.93
CA VAL A 105 6.10 13.75 11.16
C VAL A 105 5.64 14.38 12.46
N MET A 106 4.56 15.15 12.38
CA MET A 106 3.99 15.87 13.52
C MET A 106 2.87 15.09 14.21
N SER A 107 2.05 14.41 13.41
CA SER A 107 0.93 13.63 13.91
C SER A 107 0.47 12.64 12.84
N VAL A 108 -0.20 11.58 13.29
CA VAL A 108 -0.78 10.56 12.43
C VAL A 108 -2.23 10.29 12.85
N LYS A 109 -3.14 10.36 11.87
CA LYS A 109 -4.52 9.97 12.07
C LYS A 109 -4.84 8.86 11.09
N GLY A 110 -5.14 7.68 11.64
CA GLY A 110 -5.46 6.51 10.83
C GLY A 110 -6.94 6.18 10.94
N TYR A 111 -7.60 6.03 9.80
CA TYR A 111 -9.00 5.63 9.76
C TYR A 111 -9.10 4.28 9.07
N THR A 112 -9.95 3.41 9.60
CA THR A 112 -10.15 2.10 8.98
C THR A 112 -11.53 1.53 9.30
N LEU A 113 -12.01 0.64 8.43
CA LEU A 113 -13.35 0.06 8.54
C LEU A 113 -13.49 -0.90 9.71
N GLY A 114 -12.56 -1.82 9.85
CA GLY A 114 -12.49 -2.68 11.02
C GLY A 114 -13.71 -3.59 11.14
N ILE A 115 -14.19 -4.07 10.01
CA ILE A 115 -15.38 -4.91 9.98
C ILE A 115 -15.04 -6.38 10.26
N GLU A 116 -13.76 -6.69 10.26
CA GLU A 116 -13.23 -7.80 11.06
C GLU A 116 -12.10 -7.34 11.97
N GLY A 117 -12.18 -7.71 13.24
CA GLY A 117 -11.29 -8.72 13.79
C GLY A 117 -9.83 -8.36 13.65
N HIS A 118 -9.13 -9.15 12.94
CA HIS A 118 -7.68 -8.99 12.87
C HIS A 118 -7.30 -7.66 12.21
N GLU A 119 -8.27 -6.89 11.76
CA GLU A 119 -8.11 -5.83 10.77
C GLU A 119 -8.45 -4.48 11.37
N LYS A 120 -8.67 -4.45 12.68
CA LYS A 120 -8.70 -3.20 13.43
C LYS A 120 -7.31 -2.79 13.89
N PRO A 121 -7.15 -1.51 14.19
CA PRO A 121 -5.86 -0.98 14.67
C PRO A 121 -5.36 -1.71 15.92
N ILE A 122 -4.07 -2.03 15.92
CA ILE A 122 -3.43 -2.68 17.06
C ILE A 122 -2.50 -1.67 17.71
N HIS A 123 -2.76 -1.35 18.98
CA HIS A 123 -1.90 -0.40 19.70
C HIS A 123 -0.51 -0.95 19.98
N MET A 124 0.48 -0.09 19.84
CA MET A 124 1.90 -0.43 20.08
C MET A 124 2.57 0.72 20.78
N GLN A 125 3.79 0.50 21.29
CA GLN A 125 4.57 1.57 21.88
C GLN A 125 5.86 1.86 21.12
N THR A 126 5.82 1.67 19.80
CA THR A 126 6.96 2.03 18.94
C THR A 126 7.04 3.56 18.81
N LEU A 127 8.17 4.06 18.31
CA LEU A 127 8.46 5.50 18.38
C LEU A 127 7.34 6.37 17.83
N GLY A 128 6.88 7.31 18.64
CA GLY A 128 5.84 8.24 18.22
C GLY A 128 4.41 7.74 18.41
N TRP A 129 4.23 6.64 19.14
CA TRP A 129 2.88 6.06 19.37
C TRP A 129 1.89 7.07 19.95
N ASN A 130 2.42 7.99 20.75
CA ASN A 130 1.62 9.03 21.42
C ASN A 130 1.13 10.14 20.48
N ILE A 131 1.65 10.20 19.26
CA ILE A 131 1.13 11.15 18.26
C ILE A 131 0.25 10.48 17.19
N VAL A 132 -0.05 9.20 17.39
CA VAL A 132 -0.98 8.45 16.53
C VAL A 132 -2.36 8.38 17.18
N LYS A 133 -3.38 8.72 16.40
CA LYS A 133 -4.77 8.53 16.80
C LYS A 133 -5.47 7.66 15.78
N PHE A 134 -6.11 6.59 16.27
CA PHE A 134 -6.81 5.65 15.41
C PHE A 134 -8.30 5.79 15.60
N LYS A 135 -9.03 5.67 14.50
CA LYS A 135 -10.48 5.58 14.55
C LYS A 135 -10.95 4.40 13.70
N ASP A 136 -11.47 3.40 14.41
CA ASP A 136 -12.06 2.19 13.83
C ASP A 136 -13.45 2.53 13.34
N LYS A 137 -14.08 1.60 12.62
CA LYS A 137 -15.45 1.73 12.09
C LYS A 137 -15.65 3.00 11.25
N SER A 138 -14.60 3.41 10.54
CA SER A 138 -14.63 4.60 9.70
C SER A 138 -14.63 4.21 8.23
N ASN A 139 -15.63 4.69 7.50
CA ASN A 139 -15.64 4.56 6.05
C ASN A 139 -15.13 5.86 5.45
N VAL A 140 -13.94 5.81 4.85
CA VAL A 140 -13.32 7.05 4.33
C VAL A 140 -14.08 7.60 3.12
N PHE A 141 -14.98 6.79 2.55
CA PHE A 141 -15.77 7.18 1.38
C PHE A 141 -16.98 8.05 1.78
N THR A 142 -17.45 7.90 3.02
CA THR A 142 -18.60 8.69 3.50
C THR A 142 -18.20 9.89 4.35
N MET A 143 -17.05 9.75 5.03
CA MET A 143 -16.47 10.78 5.90
C MET A 143 -16.25 12.09 5.18
N PRO A 144 -16.36 13.22 5.90
CA PRO A 144 -15.85 14.45 5.33
C PRO A 144 -14.31 14.38 5.30
N THR A 145 -13.70 15.06 4.34
CA THR A 145 -12.25 15.14 4.27
C THR A 145 -11.72 16.07 5.36
N GLU A 146 -10.44 15.97 5.65
CA GLU A 146 -9.75 16.92 6.52
C GLU A 146 -8.38 17.18 5.91
N PRO A 147 -7.73 18.32 6.27
CA PRO A 147 -6.44 18.62 5.64
C PRO A 147 -5.32 17.69 6.10
N SER A 148 -4.29 17.60 5.26
CA SER A 148 -3.13 16.77 5.52
C SER A 148 -1.91 17.31 4.77
N ASP A 149 -0.73 16.97 5.28
CA ASP A 149 0.52 17.28 4.59
C ASP A 149 0.99 16.05 3.82
N THR A 150 0.66 14.88 4.37
CA THR A 150 0.96 13.60 3.76
C THR A 150 -0.30 12.76 3.80
N LEU A 151 -0.78 12.39 2.60
CA LEU A 151 -2.00 11.58 2.45
C LEU A 151 -1.67 10.17 1.97
N LEU A 152 -1.94 9.19 2.83
CA LEU A 152 -1.71 7.78 2.51
C LEU A 152 -3.04 7.07 2.40
N CYS A 153 -3.14 6.15 1.45
CA CYS A 153 -4.35 5.32 1.31
C CYS A 153 -3.99 3.95 0.74
N ASP A 154 -4.26 2.90 1.51
CA ASP A 154 -3.85 1.56 1.11
C ASP A 154 -5.06 0.65 0.87
N ILE A 155 -6.12 1.22 0.28
CA ILE A 155 -7.36 0.50 0.07
C ILE A 155 -7.42 -0.10 -1.34
N GLY A 156 -7.91 -1.33 -1.41
CA GLY A 156 -8.11 -2.04 -2.66
C GLY A 156 -8.16 -3.52 -2.38
N GLU A 157 -9.37 -4.06 -2.35
CA GLU A 157 -9.60 -5.46 -2.03
C GLU A 157 -9.62 -6.30 -3.29
N SER A 158 -8.73 -7.30 -3.35
CA SER A 158 -8.61 -8.16 -4.53
C SER A 158 -9.92 -8.88 -4.85
N SER A 159 -10.12 -9.17 -6.14
CA SER A 159 -11.21 -10.00 -6.62
C SER A 159 -10.70 -10.73 -7.86
N SER A 160 -11.07 -12.00 -8.00
CA SER A 160 -10.75 -12.75 -9.22
C SER A 160 -11.43 -12.14 -10.45
N ASN A 161 -12.52 -11.41 -10.21
CA ASN A 161 -13.26 -10.69 -11.23
C ASN A 161 -12.62 -9.33 -11.56
N PRO A 162 -12.02 -9.19 -12.76
CA PRO A 162 -11.30 -7.95 -13.09
C PRO A 162 -12.20 -6.72 -13.11
N LEU A 163 -13.47 -6.90 -13.43
CA LEU A 163 -14.42 -5.79 -13.48
C LEU A 163 -14.71 -5.24 -12.08
N VAL A 164 -14.77 -6.13 -11.10
CA VAL A 164 -14.89 -5.76 -9.69
C VAL A 164 -13.63 -4.99 -9.24
N GLU A 165 -12.45 -5.48 -9.64
CA GLU A 165 -11.19 -4.80 -9.31
C GLU A 165 -11.11 -3.42 -9.94
N ARG A 166 -11.58 -3.32 -11.18
CA ARG A 166 -11.64 -2.03 -11.89
C ARG A 166 -12.53 -1.05 -11.13
N ASP A 167 -13.74 -1.50 -10.76
CA ASP A 167 -14.69 -0.68 -10.03
C ASP A 167 -14.12 -0.21 -8.70
N ARG A 168 -13.51 -1.12 -7.96
CA ARG A 168 -12.91 -0.81 -6.67
C ARG A 168 -11.77 0.20 -6.79
N THR A 169 -10.94 0.03 -7.81
CA THR A 169 -9.82 0.95 -8.06
C THR A 169 -10.32 2.37 -8.35
N MET A 170 -11.31 2.49 -9.23
CA MET A 170 -11.86 3.78 -9.61
C MET A 170 -12.49 4.51 -8.42
N LYS A 171 -13.19 3.75 -7.57
CA LYS A 171 -13.78 4.29 -6.34
C LYS A 171 -12.69 4.88 -5.43
N VAL A 172 -11.60 4.12 -5.24
CA VAL A 172 -10.46 4.57 -4.42
C VAL A 172 -9.82 5.84 -4.98
N LEU A 173 -9.65 5.90 -6.30
CA LEU A 173 -9.04 7.06 -6.97
C LEU A 173 -9.94 8.30 -6.94
N GLU A 174 -11.25 8.07 -7.11
CA GLU A 174 -12.23 9.13 -7.00
C GLU A 174 -12.21 9.74 -5.60
N ASN A 175 -12.15 8.89 -4.57
CA ASN A 175 -12.11 9.34 -3.18
C ASN A 175 -10.78 9.98 -2.80
N PHE A 176 -9.69 9.48 -3.39
CA PHE A 176 -8.37 10.07 -3.18
C PHE A 176 -8.37 11.52 -3.66
N GLU A 177 -8.90 11.74 -4.86
CA GLU A 177 -8.99 13.10 -5.42
C GLU A 177 -9.79 14.03 -4.49
N ARG A 178 -10.85 13.50 -3.91
CA ARG A 178 -11.67 14.22 -2.94
C ARG A 178 -10.81 14.67 -1.73
N TRP A 179 -10.00 13.75 -1.20
CA TRP A 179 -9.19 14.00 -0.02
C TRP A 179 -7.92 14.83 -0.28
N LYS A 180 -7.41 14.78 -1.51
CA LYS A 180 -6.16 15.46 -1.87
C LYS A 180 -6.33 16.99 -1.78
N HIS A 181 -5.76 17.55 -0.70
N HIS A 181 -5.82 17.58 -0.71
CA HIS A 181 -5.89 18.96 -0.28
CA HIS A 181 -6.00 19.00 -0.48
C HIS A 181 -4.83 19.83 -0.96
C HIS A 181 -4.84 19.85 -0.99
N VAL A 182 -5.04 21.16 -0.97
CA VAL A 182 -4.04 22.10 -1.50
C VAL A 182 -2.69 21.98 -0.78
N ASN A 183 -2.73 21.84 0.54
CA ASN A 183 -1.51 21.66 1.33
C ASN A 183 -1.00 20.22 1.40
N THR A 184 -1.67 19.29 0.71
CA THR A 184 -1.16 17.93 0.59
C THR A 184 -0.01 17.90 -0.42
N GLU A 185 1.20 17.96 0.08
CA GLU A 185 2.39 17.90 -0.74
C GLU A 185 2.80 16.46 -1.08
N ASN A 186 2.58 15.56 -0.11
CA ASN A 186 3.02 14.18 -0.23
C ASN A 186 1.83 13.23 -0.25
N PHE A 187 1.87 12.23 -1.12
CA PHE A 187 0.78 11.26 -1.20
C PHE A 187 1.23 9.88 -1.69
N CYS A 188 0.45 8.87 -1.30
CA CYS A 188 0.69 7.49 -1.70
C CYS A 188 -0.65 6.79 -1.66
N VAL A 189 -1.14 6.39 -2.83
CA VAL A 189 -2.43 5.74 -2.93
C VAL A 189 -2.29 4.40 -3.62
N LYS A 190 -2.87 3.37 -3.01
CA LYS A 190 -2.95 2.06 -3.66
C LYS A 190 -3.81 2.11 -4.93
N VAL A 191 -3.26 1.59 -6.01
CA VAL A 191 -4.01 1.40 -7.26
C VAL A 191 -4.12 -0.11 -7.49
N LEU A 192 -5.25 -0.70 -7.07
CA LEU A 192 -5.41 -2.17 -7.07
C LEU A 192 -5.21 -2.81 -8.45
N ALA A 193 -5.86 -2.25 -9.46
CA ALA A 193 -5.79 -2.78 -10.81
C ALA A 193 -5.47 -1.66 -11.81
N PRO A 194 -4.18 -1.30 -11.89
CA PRO A 194 -3.76 -0.12 -12.67
C PRO A 194 -3.84 -0.29 -14.18
N TYR A 195 -3.94 -1.53 -14.64
CA TYR A 195 -3.86 -1.83 -16.06
C TYR A 195 -5.15 -1.59 -16.86
N HIS A 196 -6.28 -1.47 -16.17
CA HIS A 196 -7.54 -1.16 -16.82
C HIS A 196 -7.46 0.20 -17.53
N PRO A 197 -7.83 0.26 -18.82
CA PRO A 197 -7.84 1.53 -19.55
C PRO A 197 -8.51 2.68 -18.80
N ASP A 198 -9.65 2.42 -18.14
CA ASP A 198 -10.34 3.46 -17.37
C ASP A 198 -9.47 3.99 -16.23
N VAL A 199 -8.72 3.09 -15.60
CA VAL A 199 -7.85 3.44 -14.48
C VAL A 199 -6.63 4.24 -14.97
N ILE A 200 -6.00 3.77 -16.04
CA ILE A 200 -4.90 4.50 -16.70
C ILE A 200 -5.33 5.93 -17.07
N GLU A 201 -6.50 6.07 -17.69
CA GLU A 201 -7.01 7.37 -18.14
C GLU A 201 -7.21 8.31 -16.95
N LYS A 202 -7.81 7.79 -15.88
CA LYS A 202 -8.07 8.56 -14.65
C LYS A 202 -6.76 9.03 -14.00
N LEU A 203 -5.81 8.10 -13.84
CA LEU A 203 -4.47 8.42 -13.30
C LEU A 203 -3.74 9.51 -14.09
N GLU A 204 -3.87 9.49 -15.41
CA GLU A 204 -3.27 10.50 -16.28
C GLU A 204 -3.82 11.90 -15.99
N ARG A 205 -5.14 11.99 -15.79
CA ARG A 205 -5.75 13.28 -15.42
C ARG A 205 -5.39 13.71 -14.00
N LEU A 206 -5.30 12.75 -13.07
CA LEU A 206 -4.79 13.05 -11.72
C LEU A 206 -3.37 13.60 -11.77
N GLN A 207 -2.52 12.98 -12.59
CA GLN A 207 -1.14 13.39 -12.75
C GLN A 207 -0.99 14.82 -13.31
N LEU A 208 -1.89 15.21 -14.21
CA LEU A 208 -1.94 16.61 -14.72
C LEU A 208 -2.27 17.63 -13.62
N ARG A 209 -3.10 17.21 -12.67
CA ARG A 209 -3.46 18.04 -11.52
C ARG A 209 -2.41 18.04 -10.41
N PHE A 210 -1.92 16.84 -10.06
CA PHE A 210 -1.15 16.66 -8.83
C PHE A 210 0.30 16.29 -9.08
N GLY A 211 0.65 16.01 -10.33
CA GLY A 211 1.97 15.51 -10.66
C GLY A 211 2.12 14.08 -10.17
N GLY A 212 3.35 13.70 -9.88
CA GLY A 212 3.63 12.37 -9.34
C GLY A 212 3.74 11.29 -10.39
N GLY A 213 3.68 10.03 -9.96
CA GLY A 213 3.89 8.89 -10.84
C GLY A 213 3.51 7.60 -10.16
N ILE A 214 3.69 6.48 -10.86
CA ILE A 214 3.23 5.18 -10.36
C ILE A 214 4.40 4.20 -10.25
N VAL A 215 4.37 3.35 -9.22
CA VAL A 215 5.47 2.40 -8.99
C VAL A 215 4.98 1.04 -8.46
N ARG A 216 5.64 -0.01 -8.91
CA ARG A 216 5.46 -1.36 -8.38
C ARG A 216 6.40 -1.57 -7.19
N VAL A 217 5.83 -1.95 -6.04
CA VAL A 217 6.65 -2.26 -4.86
C VAL A 217 6.97 -3.76 -4.92
N PRO A 218 8.25 -4.13 -4.79
CA PRO A 218 8.65 -5.54 -5.01
C PRO A 218 8.08 -6.54 -3.99
N PHE A 219 7.56 -6.04 -2.86
CA PHE A 219 6.95 -6.87 -1.82
C PHE A 219 5.54 -7.33 -2.18
N SER A 220 4.97 -6.72 -3.22
CA SER A 220 3.69 -7.17 -3.74
C SER A 220 3.83 -8.58 -4.33
N ARG A 221 2.82 -9.42 -4.10
CA ARG A 221 2.82 -10.77 -4.66
C ARG A 221 2.51 -10.70 -6.15
N ASN A 222 2.98 -11.69 -6.91
CA ASN A 222 2.72 -11.74 -8.36
C ASN A 222 1.24 -11.98 -8.65
N SER A 223 0.49 -12.34 -7.61
CA SER A 223 -0.93 -12.64 -7.74
C SER A 223 -1.78 -11.37 -7.69
N THR A 224 -1.12 -10.22 -7.53
CA THR A 224 -1.80 -8.93 -7.63
C THR A 224 -1.01 -7.98 -8.52
N HIS A 225 -1.71 -7.15 -9.28
CA HIS A 225 -1.10 -6.15 -10.15
C HIS A 225 -1.01 -4.80 -9.43
N GLU A 226 -1.24 -4.78 -8.12
CA GLU A 226 -1.26 -3.51 -7.36
C GLU A 226 0.00 -2.66 -7.59
N MET A 227 -0.21 -1.36 -7.74
CA MET A 227 0.89 -0.41 -7.84
C MET A 227 0.49 0.82 -7.05
N TYR A 228 1.44 1.71 -6.78
CA TYR A 228 1.16 2.86 -5.92
C TYR A 228 1.40 4.17 -6.65
N TYR A 229 0.37 5.03 -6.63
CA TYR A 229 0.48 6.39 -7.16
C TYR A 229 1.09 7.28 -6.09
N ILE A 230 2.26 7.84 -6.38
CA ILE A 230 3.06 8.53 -5.37
C ILE A 230 3.52 9.91 -5.84
N SER A 231 3.87 10.75 -4.86
CA SER A 231 4.22 12.14 -5.14
C SER A 231 5.70 12.35 -5.43
N GLY A 232 6.53 11.38 -5.04
CA GLY A 232 8.00 11.56 -5.03
C GLY A 232 8.73 11.39 -6.34
N ALA A 233 8.07 10.85 -7.36
CA ALA A 233 8.67 10.63 -8.67
C ALA A 233 7.70 10.98 -9.79
N ARG A 234 8.24 11.47 -10.90
CA ARG A 234 7.46 11.72 -12.11
C ARG A 234 7.79 10.65 -13.14
N ASN A 235 6.78 9.99 -13.68
CA ASN A 235 6.99 9.00 -14.72
C ASN A 235 5.78 8.80 -15.63
N ASN A 236 5.92 7.93 -16.62
CA ASN A 236 4.86 7.67 -17.58
C ASN A 236 4.00 6.50 -17.09
N ILE A 237 2.74 6.78 -16.75
CA ILE A 237 1.79 5.81 -16.18
C ILE A 237 1.67 4.53 -17.02
N THR A 238 1.32 4.68 -18.30
CA THR A 238 1.20 3.56 -19.23
C THR A 238 2.47 2.73 -19.36
N HIS A 239 3.62 3.40 -19.53
CA HIS A 239 4.91 2.70 -19.62
C HIS A 239 5.21 1.89 -18.36
N MET A 240 4.97 2.49 -17.19
CA MET A 240 5.25 1.85 -15.90
C MET A 240 4.33 0.65 -15.66
N VAL A 241 3.05 0.83 -15.96
CA VAL A 241 2.06 -0.25 -15.81
C VAL A 241 2.39 -1.40 -16.76
N ASN A 242 2.67 -1.10 -18.03
CA ASN A 242 3.02 -2.13 -19.02
C ASN A 242 4.30 -2.89 -18.68
N THR A 243 5.31 -2.18 -18.20
CA THR A 243 6.55 -2.81 -17.77
C THR A 243 6.28 -3.85 -16.68
N THR A 244 5.40 -3.49 -15.73
CA THR A 244 4.99 -4.42 -14.67
C THR A 244 4.20 -5.60 -15.22
N SER A 245 3.26 -5.36 -16.13
CA SER A 245 2.50 -6.44 -16.79
C SER A 245 3.45 -7.45 -17.45
N ARG A 246 4.45 -6.94 -18.18
CA ARG A 246 5.47 -7.79 -18.81
C ARG A 246 6.29 -8.60 -17.79
N SER A 247 6.73 -7.95 -16.71
CA SER A 247 7.44 -8.66 -15.65
C SER A 247 6.60 -9.77 -15.06
N LEU A 248 5.32 -9.49 -14.82
CA LEU A 248 4.40 -10.47 -14.24
C LEU A 248 4.16 -11.68 -15.16
N LEU A 249 4.02 -11.40 -16.46
CA LEU A 249 3.85 -12.47 -17.46
C LEU A 249 5.12 -13.31 -17.64
N ARG A 250 6.28 -12.65 -17.58
CA ARG A 250 7.59 -13.31 -17.67
C ARG A 250 7.78 -14.29 -16.50
N ARG A 251 7.45 -13.83 -15.30
CA ARG A 251 7.50 -14.68 -14.10
C ARG A 251 6.50 -15.83 -14.18
N MET A 252 5.41 -15.64 -14.90
CA MET A 252 4.41 -16.71 -15.02
C MET A 252 4.88 -17.83 -15.94
N THR A 253 5.62 -17.48 -16.98
CA THR A 253 6.13 -18.50 -17.90
C THR A 253 7.42 -19.16 -17.40
N ARG A 254 8.19 -18.43 -16.59
CA ARG A 254 9.40 -18.99 -15.96
C ARG A 254 9.41 -18.72 -14.45
N PRO A 255 8.52 -19.38 -13.69
CA PRO A 255 8.43 -19.11 -12.25
C PRO A 255 9.54 -19.79 -11.45
N SER A 256 10.27 -19.01 -10.65
CA SER A 256 11.33 -19.56 -9.81
C SER A 256 10.76 -20.29 -8.59
N GLY A 257 9.54 -19.91 -8.20
CA GLY A 257 8.88 -20.47 -7.01
C GLY A 257 9.53 -20.05 -5.69
N LYS A 258 10.38 -19.02 -5.73
CA LYS A 258 11.16 -18.64 -4.57
C LYS A 258 11.20 -17.12 -4.36
N ALA A 259 10.83 -16.70 -3.15
CA ALA A 259 10.91 -15.30 -2.77
C ALA A 259 12.29 -14.98 -2.20
N ILE A 260 12.67 -13.72 -2.24
CA ILE A 260 13.92 -13.25 -1.63
C ILE A 260 13.56 -12.64 -0.29
N ILE A 261 14.01 -13.30 0.79
CA ILE A 261 13.65 -12.94 2.16
C ILE A 261 14.67 -11.98 2.78
N GLU A 262 14.19 -10.87 3.33
CA GLU A 262 15.05 -9.90 4.03
C GLU A 262 14.47 -9.57 5.41
N GLY A 263 15.21 -8.76 6.17
CA GLY A 263 14.81 -8.39 7.53
C GLY A 263 13.56 -7.53 7.56
N ASP A 264 12.72 -7.77 8.55
CA ASP A 264 11.47 -7.03 8.76
C ASP A 264 11.69 -5.55 9.12
N VAL A 265 10.61 -4.77 9.07
CA VAL A 265 10.61 -3.39 9.52
C VAL A 265 10.65 -3.34 11.05
N PHE A 266 11.83 -3.01 11.58
CA PHE A 266 11.97 -2.78 13.00
C PHE A 266 12.05 -1.29 13.28
N LEU A 267 11.51 -0.89 14.43
CA LEU A 267 11.36 0.53 14.75
C LEU A 267 11.98 0.84 16.11
N PRO A 268 12.36 2.11 16.35
CA PRO A 268 12.71 2.52 17.71
C PRO A 268 11.43 2.53 18.56
N THR A 269 11.57 2.71 19.87
CA THR A 269 10.43 2.66 20.77
C THR A 269 10.35 3.95 21.58
N GLY A 270 9.15 4.26 22.07
CA GLY A 270 8.96 5.36 23.02
C GLY A 270 8.15 6.52 22.48
N THR A 271 7.93 7.51 23.34
CA THR A 271 7.16 8.70 22.99
C THR A 271 7.99 9.70 22.19
N ARG A 272 7.31 10.62 21.52
CA ARG A 272 7.94 11.74 20.85
C ARG A 272 7.38 13.06 21.39
#